data_5NO1
#
_entry.id   5NO1
#
_cell.length_a   158.570
_cell.length_b   158.570
_cell.length_c   123.060
_cell.angle_alpha   90.00
_cell.angle_beta   90.00
_cell.angle_gamma   90.00
#
_symmetry.space_group_name_H-M   'P 41 21 2'
#
loop_
_entity.id
_entity.type
_entity.pdbx_description
1 polymer Integrase
2 polymer "DNA (5'-D(*AP*TP*TP*GP*TP*CP*AP*TP*GP*GP*AP*AP*TP*TP*TP*CP*GP*CP*A)-3')"
3 polymer "DNA (5'-D(*TP*GP*CP*GP*AP*AP*AP*TP*TP*CP*CP*AP*TP*GP*AP*CP*A)-3')"
4 non-polymer 'MAGNESIUM ION'
5 non-polymer 'methyl 2-[[3-[[2,4-bis(fluoranyl)phenyl]methylcarbamoyl]-7-methoxy-1-oxidanyl-2-oxidanylidene-1,8-naphthyridin-4-yl]amino]ethanoate'
6 non-polymer 'ZINC ION'
7 non-polymer 'SULFATE ION'
8 non-polymer GLYCEROL
9 non-polymer '2-(N-MORPHOLINO)-ETHANESULFONIC ACID'
10 non-polymer HEXANE-1,6-DIOL
11 water water
#
loop_
_entity_poly.entity_id
_entity_poly.type
_entity_poly.pdbx_seq_one_letter_code
_entity_poly.pdbx_strand_id
1 'polypeptide(L)'
;GPGCNTKKPNLDAELDQLLQGHYIKGYPKQYTYFLEDGKVKVSRPEGVKIIPPQSDRQKIVLQAHNLAHTGREATLLKIA
NLYWWPNMRKDVVKQLGRCQQCLITNASNKASGPILRPDRPQKPFDKFFIDYIGPLPPSQGYLYVLVVVDGMTGFTWLYP
TKAPSTSATVKSLNVLTSIAIPKVIHSDQGAAFTSSTFAEWAKERGIHLEFSTPYHPQSSGKVERKNSDIKRLLTKLLVG
RPTKWYDLLPVVQLALNNTYSPVLKYTPHQLLFGIDSNTPFANQDTLDLTREEELSLLQEIRTSLYHPSTPPASSRSWSP
VVGQLVQERVARPASLRPRWHKPSTVLKVLNPRTVVILDHLGNNRTVSIDNLKPTSHQNGTTNDTATMDHLEKNE
;
A,B
2 'polydeoxyribonucleotide' (DA)(DT)(DT)(DG)(DT)(DC)(DA)(DT)(DG)(DG)(DA)(DA)(DT)(DT)(DT)(DC)(DG)(DC)(DA) C
3 'polydeoxyribonucleotide' (DT)(DG)(DC)(DG)(DA)(DA)(DA)(DT)(DT)(DC)(DC)(DA)(DT)(DG)(DA)(DC)(DA) D
#
# COMPACT_ATOMS: atom_id res chain seq x y z
N ASP A 12 -47.27 25.19 35.43
CA ASP A 12 -48.43 25.21 36.32
C ASP A 12 -49.18 26.54 36.21
N ALA A 13 -48.45 27.65 36.32
CA ALA A 13 -49.08 28.95 36.10
C ALA A 13 -49.44 29.14 34.63
N GLU A 14 -48.62 28.59 33.74
CA GLU A 14 -48.92 28.65 32.31
C GLU A 14 -50.22 27.92 32.01
N LEU A 15 -50.41 26.74 32.60
CA LEU A 15 -51.63 25.96 32.40
C LEU A 15 -52.84 26.54 33.13
N ASP A 16 -52.62 27.29 34.22
CA ASP A 16 -53.75 27.88 34.94
C ASP A 16 -54.47 28.89 34.05
N GLN A 17 -53.72 29.75 33.36
CA GLN A 17 -54.34 30.72 32.48
C GLN A 17 -55.04 30.05 31.29
N LEU A 18 -54.65 28.83 30.96
CA LEU A 18 -55.29 28.12 29.88
C LEU A 18 -56.68 27.62 30.26
N LEU A 19 -56.88 27.25 31.53
CA LEU A 19 -58.16 26.67 31.94
C LEU A 19 -59.27 27.70 31.92
N GLN A 20 -58.97 28.95 32.28
CA GLN A 20 -59.96 30.02 32.26
C GLN A 20 -60.25 30.51 30.85
N GLY A 21 -59.54 30.01 29.84
CA GLY A 21 -59.81 30.35 28.46
C GLY A 21 -58.87 31.37 27.85
N HIS A 22 -57.85 31.82 28.58
CA HIS A 22 -56.88 32.75 28.03
C HIS A 22 -55.91 32.03 27.09
N TYR A 23 -55.47 32.74 26.07
CA TYR A 23 -54.63 32.16 25.02
C TYR A 23 -53.16 32.16 25.41
N ILE A 24 -52.50 31.02 25.18
CA ILE A 24 -51.06 30.87 25.37
C ILE A 24 -50.47 30.36 24.06
N LYS A 25 -49.43 31.04 23.57
CA LYS A 25 -48.82 30.67 22.30
C LYS A 25 -48.36 29.23 22.32
N GLY A 26 -48.66 28.50 21.24
CA GLY A 26 -48.40 27.09 21.12
C GLY A 26 -49.62 26.22 21.35
N TYR A 27 -50.56 26.67 22.18
CA TYR A 27 -51.80 25.96 22.44
C TYR A 27 -52.89 26.51 21.53
N PRO A 28 -53.37 25.74 20.55
CA PRO A 28 -54.43 26.25 19.66
C PRO A 28 -55.68 26.61 20.44
N LYS A 29 -56.31 27.72 20.04
CA LYS A 29 -57.44 28.27 20.80
C LYS A 29 -58.71 27.46 20.57
N GLN A 30 -58.88 26.89 19.39
CA GLN A 30 -60.08 26.14 19.00
C GLN A 30 -60.29 24.83 19.81
N TYR A 31 -59.54 24.53 20.86
CA TYR A 31 -59.77 23.33 21.65
C TYR A 31 -60.22 23.72 23.05
N THR A 32 -61.01 22.85 23.67
CA THR A 32 -61.49 23.08 25.03
C THR A 32 -60.51 22.43 26.00
N TYR A 33 -59.77 23.27 26.73
CA TYR A 33 -58.83 22.82 27.76
C TYR A 33 -59.55 22.83 29.10
N PHE A 34 -59.74 21.65 29.68
CA PHE A 34 -60.47 21.52 30.93
C PHE A 34 -59.63 20.81 31.97
N LEU A 35 -60.15 20.75 33.18
CA LEU A 35 -59.51 20.09 34.31
C LEU A 35 -60.35 18.88 34.74
N GLU A 36 -59.68 17.76 34.97
CA GLU A 36 -60.34 16.53 35.39
C GLU A 36 -59.35 15.69 36.16
N ASP A 37 -59.73 15.30 37.38
CA ASP A 37 -58.88 14.47 38.24
C ASP A 37 -57.55 15.15 38.53
N GLY A 38 -57.60 16.47 38.73
CA GLY A 38 -56.41 17.23 39.05
C GLY A 38 -55.40 17.34 37.93
N LYS A 39 -55.78 17.05 36.70
CA LYS A 39 -54.88 17.09 35.56
C LYS A 39 -55.50 17.95 34.46
N VAL A 40 -54.69 18.82 33.87
CA VAL A 40 -55.17 19.62 32.75
C VAL A 40 -55.24 18.71 31.52
N LYS A 41 -56.39 18.71 30.86
CA LYS A 41 -56.63 17.83 29.72
C LYS A 41 -57.18 18.64 28.55
N VAL A 42 -57.03 18.08 27.36
CA VAL A 42 -57.53 18.69 26.14
C VAL A 42 -58.26 17.63 25.34
N SER A 43 -59.35 18.02 24.69
CA SER A 43 -60.13 17.12 23.84
C SER A 43 -59.63 17.28 22.41
N ARG A 44 -58.65 16.46 22.04
CA ARG A 44 -58.03 16.45 20.73
C ARG A 44 -58.69 15.42 19.83
N PRO A 45 -58.49 15.51 18.51
CA PRO A 45 -59.11 14.53 17.60
C PRO A 45 -58.85 13.09 17.99
N GLU A 46 -57.61 12.74 18.33
CA GLU A 46 -57.25 11.36 18.68
C GLU A 46 -57.86 10.92 20.01
N GLY A 47 -58.39 11.84 20.79
CA GLY A 47 -58.93 11.52 22.08
C GLY A 47 -58.51 12.57 23.08
N VAL A 48 -58.80 12.30 24.34
CA VAL A 48 -58.48 13.21 25.42
C VAL A 48 -57.07 12.90 25.91
N LYS A 49 -56.21 13.90 25.88
CA LYS A 49 -54.83 13.74 26.34
C LYS A 49 -54.59 14.65 27.53
N ILE A 50 -53.66 14.24 28.36
CA ILE A 50 -53.26 15.03 29.53
C ILE A 50 -52.18 16.02 29.10
N ILE A 51 -52.37 17.28 29.45
CA ILE A 51 -51.34 18.30 29.22
C ILE A 51 -50.53 18.44 30.49
N PRO A 52 -49.32 17.89 30.55
CA PRO A 52 -48.53 18.00 31.76
C PRO A 52 -47.83 19.34 31.83
N PRO A 53 -47.58 19.86 33.03
CA PRO A 53 -46.85 21.12 33.16
C PRO A 53 -45.47 21.01 32.52
N GLN A 54 -44.96 22.18 32.10
CA GLN A 54 -43.63 22.24 31.50
C GLN A 54 -42.59 21.51 32.34
N SER A 55 -42.67 21.67 33.67
CA SER A 55 -41.66 21.14 34.57
C SER A 55 -41.64 19.62 34.63
N ASP A 56 -42.67 18.95 34.10
CA ASP A 56 -42.72 17.50 34.13
C ASP A 56 -42.48 16.85 32.78
N ARG A 57 -42.38 17.64 31.71
CA ARG A 57 -42.32 17.05 30.38
C ARG A 57 -40.98 16.37 30.12
N GLN A 58 -39.88 16.92 30.62
CA GLN A 58 -38.60 16.26 30.43
C GLN A 58 -38.60 14.85 31.03
N LYS A 59 -39.13 14.71 32.26
CA LYS A 59 -39.17 13.39 32.89
C LYS A 59 -40.06 12.43 32.13
N ILE A 60 -41.13 12.94 31.53
CA ILE A 60 -42.01 12.10 30.72
C ILE A 60 -41.29 11.59 29.47
N VAL A 61 -40.65 12.49 28.73
CA VAL A 61 -39.95 12.09 27.52
C VAL A 61 -38.88 11.07 27.85
N LEU A 62 -38.22 11.24 29.01
CA LEU A 62 -37.20 10.30 29.45
C LEU A 62 -37.79 8.95 29.79
N GLN A 63 -38.91 8.92 30.52
CA GLN A 63 -39.52 7.63 30.86
C GLN A 63 -39.98 6.90 29.61
N ALA A 64 -40.53 7.63 28.64
CA ALA A 64 -40.97 6.99 27.40
C ALA A 64 -39.78 6.50 26.60
N HIS A 65 -38.75 7.33 26.45
CA HIS A 65 -37.59 6.92 25.68
C HIS A 65 -36.92 5.71 26.32
N ASN A 66 -36.83 5.67 27.65
CA ASN A 66 -36.02 4.66 28.33
C ASN A 66 -36.67 3.28 28.36
N LEU A 67 -37.92 3.13 27.94
CA LEU A 67 -38.53 1.81 27.90
C LEU A 67 -37.71 0.87 27.00
N ALA A 68 -37.48 1.28 25.76
CA ALA A 68 -36.66 0.50 24.85
C ALA A 68 -35.66 1.35 24.11
N HIS A 69 -35.34 2.54 24.63
CA HIS A 69 -34.38 3.46 24.03
C HIS A 69 -34.70 3.69 22.55
N THR A 70 -35.96 4.01 22.30
CA THR A 70 -36.46 4.15 20.95
C THR A 70 -36.12 5.53 20.39
N GLY A 71 -36.12 5.63 19.07
CA GLY A 71 -35.81 6.87 18.40
C GLY A 71 -36.97 7.85 18.42
N ARG A 72 -36.99 8.76 17.45
CA ARG A 72 -37.93 9.87 17.48
C ARG A 72 -39.38 9.40 17.47
N GLU A 73 -39.79 8.70 16.40
CA GLU A 73 -41.21 8.39 16.23
C GLU A 73 -41.69 7.33 17.22
N ALA A 74 -40.86 6.32 17.51
CA ALA A 74 -41.32 5.27 18.42
C ALA A 74 -41.45 5.79 19.85
N THR A 75 -40.67 6.82 20.22
CA THR A 75 -40.82 7.45 21.52
C THR A 75 -42.04 8.35 21.56
N LEU A 76 -42.26 9.14 20.49
CA LEU A 76 -43.42 10.02 20.46
C LEU A 76 -44.71 9.23 20.54
N LEU A 77 -44.82 8.14 19.77
CA LEU A 77 -46.03 7.33 19.78
C LEU A 77 -46.37 6.83 21.18
N LYS A 78 -45.36 6.55 22.01
CA LYS A 78 -45.61 6.21 23.41
C LYS A 78 -46.21 7.39 24.15
N ILE A 79 -45.55 8.55 24.09
CA ILE A 79 -46.02 9.73 24.81
C ILE A 79 -47.42 10.12 24.36
N ALA A 80 -47.67 10.08 23.04
CA ALA A 80 -48.96 10.51 22.50
C ALA A 80 -50.12 9.65 23.01
N ASN A 81 -49.85 8.44 23.50
CA ASN A 81 -50.90 7.60 24.06
C ASN A 81 -51.60 8.26 25.24
N LEU A 82 -50.86 9.01 26.04
CA LEU A 82 -51.39 9.68 27.22
C LEU A 82 -51.36 11.20 27.13
N TYR A 83 -50.27 11.77 26.62
CA TYR A 83 -50.06 13.20 26.78
C TYR A 83 -50.12 13.95 25.46
N TRP A 84 -50.35 15.25 25.57
CA TRP A 84 -50.16 16.17 24.47
C TRP A 84 -49.60 17.47 25.03
N TRP A 85 -48.68 18.09 24.29
CA TRP A 85 -48.23 19.44 24.59
C TRP A 85 -47.61 20.03 23.33
N PRO A 86 -47.42 21.35 23.26
CA PRO A 86 -46.88 21.95 22.03
C PRO A 86 -45.48 21.46 21.74
N ASN A 87 -45.26 21.05 20.48
CA ASN A 87 -43.95 20.67 19.95
C ASN A 87 -43.35 19.52 20.75
N MET A 88 -44.09 18.42 20.78
CA MET A 88 -43.61 17.26 21.53
C MET A 88 -42.32 16.71 20.93
N ARG A 89 -42.28 16.56 19.60
CA ARG A 89 -41.06 16.00 19.01
C ARG A 89 -39.84 16.85 19.33
N LYS A 90 -40.00 18.16 19.47
CA LYS A 90 -38.86 19.00 19.83
C LYS A 90 -38.27 18.56 21.16
N ASP A 91 -39.11 18.27 22.16
CA ASP A 91 -38.61 17.76 23.43
C ASP A 91 -38.09 16.34 23.31
N VAL A 92 -38.67 15.53 22.42
CA VAL A 92 -38.20 14.17 22.21
C VAL A 92 -36.79 14.18 21.63
N VAL A 93 -36.59 14.94 20.54
CA VAL A 93 -35.28 15.02 19.92
C VAL A 93 -34.25 15.57 20.88
N LYS A 94 -34.65 16.51 21.75
CA LYS A 94 -33.71 17.06 22.72
C LYS A 94 -33.18 15.97 23.64
N GLN A 95 -34.03 15.00 24.02
CA GLN A 95 -33.56 13.91 24.87
C GLN A 95 -32.70 12.93 24.10
N LEU A 96 -33.08 12.62 22.86
CA LEU A 96 -32.29 11.69 22.05
C LEU A 96 -30.85 12.18 21.89
N GLY A 97 -30.65 13.50 21.77
CA GLY A 97 -29.31 14.04 21.65
C GLY A 97 -28.54 14.07 22.97
N ARG A 98 -29.23 13.89 24.10
CA ARG A 98 -28.59 13.79 25.40
C ARG A 98 -28.48 12.35 25.90
N CYS A 99 -29.11 11.39 25.23
CA CYS A 99 -29.01 10.00 25.67
C CYS A 99 -27.70 9.43 25.18
N GLN A 100 -26.74 9.27 26.10
CA GLN A 100 -25.43 8.79 25.68
C GLN A 100 -25.50 7.39 25.11
N GLN A 101 -26.36 6.52 25.67
CA GLN A 101 -26.41 5.13 25.21
C GLN A 101 -26.88 5.03 23.77
N CYS A 102 -27.88 5.83 23.40
CA CYS A 102 -28.33 5.78 22.01
C CYS A 102 -27.26 6.32 21.07
N LEU A 103 -26.59 7.41 21.47
CA LEU A 103 -25.61 8.03 20.58
C LEU A 103 -24.48 7.07 20.22
N ILE A 104 -24.05 6.24 21.17
CA ILE A 104 -22.91 5.37 20.94
C ILE A 104 -23.30 3.97 20.48
N THR A 105 -24.58 3.59 20.63
CA THR A 105 -25.01 2.27 20.20
C THR A 105 -25.73 2.26 18.86
N ASN A 106 -26.46 3.32 18.52
CA ASN A 106 -27.25 3.28 17.29
C ASN A 106 -26.39 3.33 16.05
N ALA A 107 -26.91 2.73 14.99
CA ALA A 107 -26.28 2.82 13.69
C ALA A 107 -26.50 4.21 13.09
N SER A 108 -25.69 4.51 12.08
CA SER A 108 -25.89 5.70 11.26
C SER A 108 -26.91 5.39 10.18
N ASN A 109 -27.61 6.43 9.73
CA ASN A 109 -28.45 6.33 8.55
C ASN A 109 -28.01 7.27 7.44
N LYS A 110 -26.79 7.81 7.53
CA LYS A 110 -26.24 8.67 6.48
C LYS A 110 -24.94 8.05 5.99
N ALA A 111 -24.86 7.83 4.68
CA ALA A 111 -23.70 7.22 4.05
C ALA A 111 -22.53 8.21 3.99
N SER A 112 -21.33 7.65 3.85
CA SER A 112 -20.16 8.48 3.63
C SER A 112 -20.21 9.10 2.24
N GLY A 113 -19.62 10.30 2.13
CA GLY A 113 -19.48 10.95 0.85
C GLY A 113 -18.74 10.08 -0.15
N PRO A 114 -18.80 10.46 -1.42
CA PRO A 114 -18.22 9.60 -2.47
C PRO A 114 -16.70 9.55 -2.39
N ILE A 115 -16.15 8.39 -2.78
CA ILE A 115 -14.72 8.13 -2.60
C ILE A 115 -13.88 9.02 -3.51
N LEU A 116 -12.67 9.32 -3.08
CA LEU A 116 -11.70 10.02 -3.90
C LEU A 116 -10.94 9.03 -4.77
N ARG A 117 -10.57 9.46 -5.95
CA ARG A 117 -9.71 8.60 -6.74
C ARG A 117 -8.36 9.29 -6.89
N PRO A 118 -7.47 9.11 -5.91
CA PRO A 118 -6.23 9.89 -5.91
C PRO A 118 -5.45 9.68 -7.21
N ASP A 119 -4.77 10.74 -7.65
CA ASP A 119 -3.99 10.68 -8.88
C ASP A 119 -2.99 9.54 -8.83
N ARG A 120 -2.88 8.82 -9.95
CA ARG A 120 -1.86 7.80 -10.07
C ARG A 120 -0.48 8.46 -9.95
N PRO A 121 0.44 7.87 -9.19
CA PRO A 121 1.81 8.42 -9.13
C PRO A 121 2.37 8.65 -10.52
N GLN A 122 3.11 9.74 -10.68
CA GLN A 122 3.57 10.12 -12.00
C GLN A 122 4.61 9.15 -12.54
N LYS A 123 5.54 8.71 -11.69
CA LYS A 123 6.66 7.91 -12.13
C LYS A 123 6.71 6.59 -11.36
N PRO A 124 7.33 5.57 -11.93
CA PRO A 124 7.66 4.40 -11.12
C PRO A 124 8.57 4.81 -9.96
N PHE A 125 8.43 4.10 -8.85
CA PHE A 125 9.16 4.30 -7.60
C PHE A 125 8.79 5.60 -6.90
N ASP A 126 7.78 6.33 -7.39
CA ASP A 126 7.32 7.51 -6.65
C ASP A 126 6.65 7.10 -5.34
N LYS A 127 5.89 6.01 -5.36
CA LYS A 127 5.15 5.56 -4.19
C LYS A 127 4.98 4.05 -4.26
N PHE A 128 5.49 3.35 -3.26
CA PHE A 128 5.18 1.94 -3.07
C PHE A 128 4.01 1.80 -2.11
N PHE A 129 3.12 0.87 -2.41
CA PHE A 129 2.11 0.41 -1.46
C PHE A 129 2.51 -0.99 -1.01
N ILE A 130 2.55 -1.22 0.30
CA ILE A 130 2.95 -2.51 0.84
C ILE A 130 1.94 -2.97 1.88
N ASP A 131 1.87 -4.29 2.03
CA ASP A 131 0.90 -4.93 2.90
C ASP A 131 1.31 -6.39 3.01
N TYR A 132 0.79 -7.05 4.03
CA TYR A 132 0.99 -8.48 4.20
C TYR A 132 -0.27 -9.23 3.82
N ILE A 133 -0.09 -10.41 3.22
CA ILE A 133 -1.14 -11.39 3.05
C ILE A 133 -0.87 -12.50 4.05
N GLY A 134 -1.90 -12.98 4.73
CA GLY A 134 -1.75 -14.10 5.65
C GLY A 134 -2.49 -13.96 6.95
N PRO A 135 -2.46 -15.01 7.79
CA PRO A 135 -1.66 -16.22 7.57
C PRO A 135 -2.25 -17.17 6.53
N LEU A 136 -1.36 -17.83 5.83
CA LEU A 136 -1.66 -18.84 4.82
C LEU A 136 -1.31 -20.21 5.34
N PRO A 137 -1.73 -21.27 4.66
CA PRO A 137 -1.28 -22.62 5.06
C PRO A 137 0.22 -22.69 5.05
N PRO A 138 0.83 -23.28 6.08
CA PRO A 138 2.29 -23.37 6.14
C PRO A 138 2.86 -23.95 4.85
N SER A 139 3.80 -23.22 4.26
CA SER A 139 4.49 -23.65 3.05
C SER A 139 5.98 -23.39 3.28
N GLN A 140 6.76 -24.48 3.35
CA GLN A 140 8.21 -24.40 3.56
C GLN A 140 8.55 -23.63 4.84
N GLY A 141 7.64 -23.68 5.82
CA GLY A 141 7.79 -22.92 7.04
C GLY A 141 7.27 -21.50 6.98
N TYR A 142 6.81 -21.05 5.83
CA TYR A 142 6.39 -19.67 5.63
C TYR A 142 4.87 -19.55 5.73
N LEU A 143 4.42 -18.42 6.27
CA LEU A 143 3.01 -18.21 6.50
C LEU A 143 2.49 -16.93 5.87
N TYR A 144 3.34 -15.96 5.60
CA TYR A 144 2.87 -14.68 5.12
C TYR A 144 3.57 -14.32 3.82
N VAL A 145 3.00 -13.36 3.13
CA VAL A 145 3.56 -12.84 1.90
C VAL A 145 3.60 -11.32 2.03
N LEU A 146 4.81 -10.76 1.96
CA LEU A 146 4.94 -9.32 1.82
C LEU A 146 4.67 -8.96 0.35
N VAL A 147 3.71 -8.07 0.13
CA VAL A 147 3.32 -7.64 -1.21
C VAL A 147 3.71 -6.18 -1.34
N VAL A 148 4.55 -5.88 -2.33
CA VAL A 148 4.99 -4.51 -2.60
C VAL A 148 4.53 -4.15 -4.02
N VAL A 149 3.63 -3.17 -4.12
CA VAL A 149 3.09 -2.75 -5.41
C VAL A 149 3.57 -1.35 -5.72
N ASP A 150 4.23 -1.19 -6.86
CA ASP A 150 4.53 0.15 -7.31
C ASP A 150 3.25 0.84 -7.77
N GLY A 151 3.04 2.06 -7.30
CA GLY A 151 1.77 2.73 -7.54
C GLY A 151 1.55 3.12 -8.98
N MET A 152 2.59 3.63 -9.63
CA MET A 152 2.42 4.08 -11.02
C MET A 152 2.14 2.90 -11.94
N THR A 153 2.94 1.84 -11.82
CA THR A 153 2.97 0.77 -12.81
C THR A 153 2.11 -0.42 -12.43
N GLY A 154 1.78 -0.58 -11.15
CA GLY A 154 1.21 -1.82 -10.69
C GLY A 154 2.21 -2.94 -10.55
N PHE A 155 3.48 -2.70 -10.87
CA PHE A 155 4.48 -3.74 -10.80
C PHE A 155 4.67 -4.19 -9.36
N THR A 156 4.66 -5.51 -9.16
CA THR A 156 4.53 -6.10 -7.83
C THR A 156 5.68 -7.04 -7.52
N TRP A 157 6.20 -6.91 -6.30
CA TRP A 157 7.20 -7.84 -5.78
C TRP A 157 6.59 -8.65 -4.64
N LEU A 158 6.89 -9.95 -4.61
CA LEU A 158 6.35 -10.86 -3.62
C LEU A 158 7.46 -11.47 -2.77
N TYR A 159 7.29 -11.41 -1.45
CA TYR A 159 8.27 -11.98 -0.53
C TYR A 159 7.59 -12.84 0.52
N PRO A 160 7.92 -14.14 0.59
CA PRO A 160 7.38 -15.00 1.65
C PRO A 160 8.09 -14.73 2.97
N THR A 161 7.32 -14.59 4.04
CA THR A 161 7.88 -14.38 5.37
C THR A 161 7.23 -15.33 6.36
N LYS A 162 7.89 -15.50 7.51
CA LYS A 162 7.33 -16.32 8.57
C LYS A 162 6.42 -15.53 9.51
N ALA A 163 6.54 -14.19 9.51
CA ALA A 163 5.67 -13.34 10.30
C ALA A 163 5.51 -12.02 9.57
N PRO A 164 4.33 -11.26 9.80
CA PRO A 164 4.22 -9.85 9.33
C PRO A 164 5.00 -8.92 10.25
N SER A 165 6.30 -9.14 10.35
CA SER A 165 7.18 -8.47 11.28
C SER A 165 7.97 -7.35 10.60
N THR A 166 8.49 -6.45 11.41
CA THR A 166 9.38 -5.43 10.89
C THR A 166 10.66 -6.06 10.33
N SER A 167 11.23 -7.05 11.04
CA SER A 167 12.49 -7.64 10.60
C SER A 167 12.36 -8.32 9.24
N ALA A 168 11.24 -9.00 9.00
CA ALA A 168 11.03 -9.62 7.69
C ALA A 168 10.71 -8.58 6.62
N THR A 169 10.05 -7.49 7.01
CA THR A 169 9.83 -6.40 6.07
C THR A 169 11.15 -5.77 5.65
N VAL A 170 12.00 -5.43 6.61
CA VAL A 170 13.28 -4.80 6.30
C VAL A 170 14.12 -5.72 5.43
N LYS A 171 14.23 -6.99 5.82
CA LYS A 171 15.02 -7.94 5.03
C LYS A 171 14.53 -8.02 3.58
N SER A 172 13.21 -8.03 3.38
CA SER A 172 12.65 -8.12 2.04
C SER A 172 12.85 -6.82 1.26
N LEU A 173 12.70 -5.67 1.91
CA LEU A 173 12.82 -4.41 1.20
C LEU A 173 14.28 -4.03 0.96
N ASN A 174 15.21 -4.52 1.77
CA ASN A 174 16.61 -4.31 1.45
C ASN A 174 16.99 -4.99 0.15
N VAL A 175 16.38 -6.15 -0.14
CA VAL A 175 16.61 -6.80 -1.42
C VAL A 175 15.92 -6.03 -2.54
N LEU A 176 14.68 -5.62 -2.31
CA LEU A 176 13.95 -4.86 -3.32
C LEU A 176 14.67 -3.55 -3.65
N THR A 177 15.04 -2.78 -2.62
CA THR A 177 15.68 -1.49 -2.86
C THR A 177 17.08 -1.62 -3.45
N SER A 178 17.56 -2.85 -3.68
CA SER A 178 18.73 -3.02 -4.53
C SER A 178 18.49 -2.46 -5.92
N ILE A 179 17.26 -2.54 -6.42
CA ILE A 179 16.98 -2.11 -7.78
C ILE A 179 16.71 -0.60 -7.84
N ALA A 180 16.03 -0.06 -6.84
CA ALA A 180 15.64 1.34 -6.82
C ALA A 180 15.05 1.65 -5.45
N ILE A 181 15.26 2.89 -5.02
CA ILE A 181 14.69 3.41 -3.78
C ILE A 181 13.43 4.20 -4.12
N PRO A 182 12.32 3.96 -3.44
CA PRO A 182 11.12 4.75 -3.70
C PRO A 182 11.13 6.05 -2.91
N LYS A 183 10.35 7.03 -3.41
CA LYS A 183 10.21 8.27 -2.66
C LYS A 183 9.39 8.05 -1.40
N VAL A 184 8.31 7.31 -1.53
CA VAL A 184 7.30 7.15 -0.48
C VAL A 184 6.88 5.69 -0.44
N ILE A 185 6.79 5.14 0.75
CA ILE A 185 6.18 3.83 0.97
C ILE A 185 4.88 4.05 1.72
N HIS A 186 3.80 3.51 1.19
CA HIS A 186 2.50 3.59 1.84
C HIS A 186 2.12 2.23 2.38
N SER A 187 1.65 2.22 3.63
CA SER A 187 1.22 0.99 4.26
C SER A 187 0.05 1.30 5.17
N ASP A 188 -0.65 0.24 5.60
CA ASP A 188 -1.63 0.40 6.66
C ASP A 188 -0.90 0.55 7.99
N GLN A 189 -1.68 0.72 9.07
CA GLN A 189 -1.07 0.92 10.38
C GLN A 189 -0.81 -0.38 11.11
N GLY A 190 -0.50 -1.45 10.39
CA GLY A 190 -0.08 -2.69 11.03
C GLY A 190 1.23 -2.52 11.80
N ALA A 191 1.49 -3.48 12.68
CA ALA A 191 2.64 -3.39 13.58
C ALA A 191 3.95 -3.39 12.82
N ALA A 192 4.05 -4.19 11.74
CA ALA A 192 5.29 -4.29 10.99
C ALA A 192 5.76 -2.95 10.47
N PHE A 193 4.82 -2.03 10.18
CA PHE A 193 5.14 -0.81 9.48
C PHE A 193 5.17 0.43 10.36
N THR A 194 4.56 0.37 11.54
CA THR A 194 4.49 1.52 12.43
C THR A 194 5.58 1.52 13.50
N SER A 195 6.36 0.45 13.58
CA SER A 195 7.41 0.35 14.60
C SER A 195 8.48 1.40 14.34
N SER A 196 9.12 1.84 15.43
CA SER A 196 10.22 2.78 15.28
C SER A 196 11.37 2.18 14.48
N THR A 197 11.57 0.86 14.57
CA THR A 197 12.64 0.22 13.80
C THR A 197 12.42 0.39 12.30
N PHE A 198 11.15 0.31 11.85
CA PHE A 198 10.88 0.51 10.44
C PHE A 198 11.05 1.98 10.04
N ALA A 199 10.70 2.91 10.94
CA ALA A 199 10.84 4.33 10.62
C ALA A 199 12.30 4.70 10.40
N GLU A 200 13.19 4.24 11.30
CA GLU A 200 14.61 4.48 11.13
C GLU A 200 15.14 3.88 9.84
N TRP A 201 14.67 2.68 9.50
CA TRP A 201 15.08 2.07 8.23
C TRP A 201 14.74 2.98 7.06
N ALA A 202 13.53 3.55 7.06
CA ALA A 202 13.10 4.40 5.96
C ALA A 202 13.79 5.76 5.98
N LYS A 203 13.98 6.33 7.16
CA LYS A 203 14.70 7.61 7.22
C LYS A 203 16.14 7.47 6.73
N GLU A 204 16.80 6.35 7.07
CA GLU A 204 18.17 6.13 6.63
C GLU A 204 18.30 6.14 5.12
N ARG A 205 17.25 5.74 4.40
N ARG A 205 17.25 5.73 4.40
CA ARG A 205 17.28 5.65 2.95
CA ARG A 205 17.28 5.64 2.95
C ARG A 205 16.53 6.79 2.27
C ARG A 205 16.52 6.77 2.27
N GLY A 206 16.11 7.79 3.02
CA GLY A 206 15.39 8.91 2.44
C GLY A 206 13.99 8.59 1.96
N ILE A 207 13.34 7.59 2.55
CA ILE A 207 11.99 7.17 2.17
C ILE A 207 11.00 7.79 3.15
N HIS A 208 9.95 8.40 2.62
CA HIS A 208 8.88 8.94 3.46
C HIS A 208 7.83 7.86 3.68
N LEU A 209 7.53 7.57 4.95
CA LEU A 209 6.50 6.59 5.28
C LEU A 209 5.15 7.28 5.38
N GLU A 210 4.20 6.79 4.59
CA GLU A 210 2.84 7.31 4.54
C GLU A 210 1.93 6.21 5.01
N PHE A 211 1.04 6.52 5.96
CA PHE A 211 0.19 5.51 6.57
C PHE A 211 -1.27 5.76 6.23
N SER A 212 -1.99 4.67 6.05
CA SER A 212 -3.43 4.74 5.91
C SER A 212 -4.05 5.23 7.21
N THR A 213 -5.23 5.83 7.11
CA THR A 213 -6.03 6.04 8.30
C THR A 213 -6.31 4.68 8.93
N PRO A 214 -6.53 4.63 10.24
CA PRO A 214 -6.72 3.33 10.89
C PRO A 214 -7.99 2.65 10.40
N TYR A 215 -7.90 1.32 10.26
CA TYR A 215 -9.06 0.44 10.00
C TYR A 215 -9.79 0.83 8.72
N HIS A 216 -9.01 1.11 7.68
CA HIS A 216 -9.55 1.56 6.40
C HIS A 216 -8.73 0.97 5.27
N PRO A 217 -8.92 -0.33 4.98
CA PRO A 217 -8.12 -0.96 3.93
C PRO A 217 -8.31 -0.36 2.54
N GLN A 218 -9.43 0.32 2.29
CA GLN A 218 -9.58 1.05 1.03
CA GLN A 218 -9.57 1.06 1.03
C GLN A 218 -8.37 1.95 0.76
N SER A 219 -7.80 2.54 1.81
CA SER A 219 -6.67 3.46 1.64
C SER A 219 -5.46 2.75 1.06
N SER A 220 -5.30 1.46 1.33
CA SER A 220 -4.26 0.66 0.68
C SER A 220 -4.80 -0.09 -0.53
N GLY A 221 -5.90 0.40 -1.11
CA GLY A 221 -6.62 -0.31 -2.16
C GLY A 221 -5.76 -0.79 -3.31
N LYS A 222 -4.70 -0.03 -3.62
CA LYS A 222 -3.78 -0.44 -4.67
C LYS A 222 -3.19 -1.82 -4.40
N VAL A 223 -2.68 -2.04 -3.18
CA VAL A 223 -2.09 -3.34 -2.86
C VAL A 223 -3.18 -4.36 -2.55
N GLU A 224 -4.19 -3.96 -1.77
CA GLU A 224 -5.25 -4.90 -1.46
C GLU A 224 -5.82 -5.50 -2.73
N ARG A 225 -6.08 -4.67 -3.75
CA ARG A 225 -6.61 -5.18 -5.01
C ARG A 225 -5.64 -6.17 -5.64
N LYS A 226 -4.34 -5.90 -5.52
CA LYS A 226 -3.35 -6.83 -6.06
C LYS A 226 -3.32 -8.12 -5.23
N ASN A 227 -3.50 -8.01 -3.90
CA ASN A 227 -3.65 -9.21 -3.08
C ASN A 227 -4.74 -10.11 -3.64
N SER A 228 -5.86 -9.52 -4.07
CA SER A 228 -6.93 -10.31 -4.67
C SER A 228 -6.40 -11.11 -5.87
N ASP A 229 -5.69 -10.45 -6.78
CA ASP A 229 -5.18 -11.16 -7.95
C ASP A 229 -4.19 -12.24 -7.56
N ILE A 230 -3.35 -11.98 -6.55
CA ILE A 230 -2.36 -12.96 -6.12
C ILE A 230 -3.03 -14.20 -5.57
N LYS A 231 -3.95 -14.02 -4.62
CA LYS A 231 -4.67 -15.17 -4.07
C LYS A 231 -5.48 -15.88 -5.14
N ARG A 232 -6.09 -15.13 -6.06
CA ARG A 232 -6.90 -15.75 -7.10
C ARG A 232 -6.04 -16.63 -8.01
N LEU A 233 -4.87 -16.15 -8.41
CA LEU A 233 -3.98 -16.94 -9.26
C LEU A 233 -3.43 -18.13 -8.49
N LEU A 234 -2.96 -17.90 -7.25
CA LEU A 234 -2.50 -19.01 -6.41
C LEU A 234 -3.57 -20.09 -6.29
N THR A 235 -4.81 -19.68 -6.02
CA THR A 235 -5.90 -20.65 -5.91
C THR A 235 -6.02 -21.47 -7.17
N LYS A 236 -6.01 -20.83 -8.34
CA LYS A 236 -6.16 -21.55 -9.59
C LYS A 236 -5.02 -22.53 -9.83
N LEU A 237 -3.78 -22.11 -9.57
CA LEU A 237 -2.64 -22.99 -9.74
C LEU A 237 -2.63 -24.14 -8.74
N LEU A 238 -3.29 -23.97 -7.59
CA LEU A 238 -3.25 -24.97 -6.53
C LEU A 238 -4.46 -25.90 -6.54
N VAL A 239 -5.39 -25.73 -7.48
CA VAL A 239 -6.58 -26.57 -7.52
C VAL A 239 -6.17 -28.03 -7.64
N GLY A 240 -6.76 -28.87 -6.79
CA GLY A 240 -6.46 -30.29 -6.76
C GLY A 240 -5.03 -30.65 -6.37
N ARG A 241 -4.29 -29.71 -5.80
CA ARG A 241 -2.96 -29.95 -5.28
C ARG A 241 -2.93 -29.50 -3.82
N PRO A 242 -2.03 -30.07 -3.02
CA PRO A 242 -1.75 -29.46 -1.71
C PRO A 242 -1.24 -28.05 -1.89
N THR A 243 -1.63 -27.17 -0.96
CA THR A 243 -1.35 -25.74 -1.06
C THR A 243 0.12 -25.39 -0.82
N LYS A 244 1.01 -25.88 -1.68
CA LYS A 244 2.43 -25.54 -1.61
C LYS A 244 2.67 -24.26 -2.43
N TRP A 245 2.35 -23.12 -1.81
CA TRP A 245 2.40 -21.84 -2.49
C TRP A 245 3.76 -21.17 -2.47
N TYR A 246 4.73 -21.67 -1.71
CA TYR A 246 6.02 -21.00 -1.63
C TYR A 246 6.71 -20.96 -3.00
N ASP A 247 6.79 -22.11 -3.67
CA ASP A 247 7.44 -22.16 -4.97
C ASP A 247 6.65 -21.45 -6.06
N LEU A 248 5.39 -21.10 -5.79
CA LEU A 248 4.58 -20.43 -6.80
C LEU A 248 4.70 -18.90 -6.75
N LEU A 249 5.12 -18.33 -5.62
CA LEU A 249 5.26 -16.88 -5.54
C LEU A 249 6.06 -16.30 -6.69
N PRO A 250 7.25 -16.83 -7.04
CA PRO A 250 7.95 -16.30 -8.23
C PRO A 250 7.14 -16.44 -9.50
N VAL A 251 6.49 -17.59 -9.69
CA VAL A 251 5.64 -17.78 -10.87
C VAL A 251 4.53 -16.74 -10.91
N VAL A 252 3.80 -16.59 -9.80
CA VAL A 252 2.70 -15.63 -9.77
C VAL A 252 3.22 -14.21 -9.96
N GLN A 253 4.30 -13.85 -9.28
CA GLN A 253 4.87 -12.51 -9.45
C GLN A 253 5.14 -12.21 -10.92
N LEU A 254 5.86 -13.11 -11.60
CA LEU A 254 6.10 -12.91 -13.03
C LEU A 254 4.79 -12.84 -13.81
N ALA A 255 3.85 -13.74 -13.51
CA ALA A 255 2.62 -13.83 -14.28
C ALA A 255 1.81 -12.53 -14.17
N LEU A 256 1.59 -12.04 -12.95
CA LEU A 256 0.79 -10.83 -12.79
C LEU A 256 1.53 -9.61 -13.34
N ASN A 257 2.84 -9.53 -13.16
CA ASN A 257 3.55 -8.37 -13.66
C ASN A 257 3.52 -8.30 -15.18
N ASN A 258 3.21 -9.41 -15.86
CA ASN A 258 3.15 -9.42 -17.31
C ASN A 258 1.74 -9.61 -17.84
N THR A 259 0.73 -9.32 -17.01
CA THR A 259 -0.68 -9.49 -17.36
C THR A 259 -1.26 -8.15 -17.80
N TYR A 260 -2.02 -8.16 -18.88
CA TYR A 260 -2.59 -6.91 -19.39
C TYR A 260 -3.72 -6.44 -18.48
N SER A 261 -3.77 -5.13 -18.27
CA SER A 261 -4.95 -4.53 -17.65
C SER A 261 -5.85 -4.05 -18.77
N PRO A 262 -7.00 -4.68 -19.00
CA PRO A 262 -7.81 -4.35 -20.18
C PRO A 262 -8.12 -2.87 -20.34
N VAL A 263 -8.32 -2.15 -19.23
CA VAL A 263 -8.62 -0.73 -19.32
C VAL A 263 -7.37 0.09 -19.68
N LEU A 264 -6.18 -0.28 -19.17
CA LEU A 264 -4.96 0.44 -19.52
C LEU A 264 -4.38 0.03 -20.87
N LYS A 265 -4.63 -1.21 -21.30
CA LYS A 265 -3.98 -1.83 -22.46
C LYS A 265 -2.49 -2.05 -22.26
N TYR A 266 -2.03 -2.16 -21.01
CA TYR A 266 -0.61 -2.41 -20.76
C TYR A 266 -0.47 -3.35 -19.59
N THR A 267 0.67 -4.05 -19.56
CA THR A 267 1.04 -4.83 -18.39
C THR A 267 1.85 -3.97 -17.44
N PRO A 268 1.92 -4.33 -16.16
CA PRO A 268 2.78 -3.56 -15.25
C PRO A 268 4.24 -3.59 -15.66
N HIS A 269 4.72 -4.73 -16.20
CA HIS A 269 6.07 -4.78 -16.73
C HIS A 269 6.29 -3.71 -17.80
N GLN A 270 5.33 -3.55 -18.71
CA GLN A 270 5.49 -2.57 -19.79
C GLN A 270 5.50 -1.15 -19.25
N LEU A 271 4.61 -0.83 -18.30
CA LEU A 271 4.62 0.50 -17.71
C LEU A 271 5.92 0.78 -16.97
N LEU A 272 6.58 -0.26 -16.45
CA LEU A 272 7.83 -0.08 -15.74
C LEU A 272 9.04 0.01 -16.67
N PHE A 273 9.11 -0.85 -17.70
CA PHE A 273 10.29 -0.95 -18.55
C PHE A 273 10.11 -0.45 -19.97
N GLY A 274 8.87 -0.29 -20.45
CA GLY A 274 8.65 0.13 -21.82
C GLY A 274 8.94 -0.92 -22.87
N ILE A 275 9.21 -2.16 -22.48
CA ILE A 275 9.45 -3.24 -23.43
C ILE A 275 9.34 -4.55 -22.67
N ASP A 276 8.68 -5.52 -23.30
CA ASP A 276 8.56 -6.83 -22.67
C ASP A 276 9.90 -7.55 -22.67
N SER A 277 10.12 -8.36 -21.63
CA SER A 277 11.28 -9.22 -21.61
C SER A 277 10.96 -10.52 -22.34
N ASN A 278 11.81 -11.52 -22.19
CA ASN A 278 11.63 -12.79 -22.90
C ASN A 278 10.57 -13.67 -22.22
N THR A 279 9.38 -13.11 -22.08
CA THR A 279 8.23 -13.83 -21.58
C THR A 279 7.35 -14.28 -22.73
N PRO A 280 6.46 -15.24 -22.51
CA PRO A 280 5.59 -15.69 -23.61
C PRO A 280 4.72 -14.56 -24.13
N PHE A 281 4.55 -14.54 -25.46
CA PHE A 281 3.71 -13.56 -26.15
C PHE A 281 4.21 -12.14 -25.94
N ALA A 282 5.52 -11.97 -25.98
CA ALA A 282 6.12 -10.66 -25.77
C ALA A 282 5.77 -9.72 -26.90
N ASN A 283 5.24 -8.55 -26.55
CA ASN A 283 4.91 -7.54 -27.55
C ASN A 283 6.19 -7.07 -28.23
N GLN A 284 6.13 -6.92 -29.55
CA GLN A 284 7.27 -6.58 -30.38
C GLN A 284 7.00 -5.36 -31.23
N ASP A 285 6.08 -4.50 -30.80
CA ASP A 285 5.69 -3.37 -31.64
C ASP A 285 6.83 -2.36 -31.77
N THR A 286 7.61 -2.16 -30.71
CA THR A 286 8.68 -1.15 -30.69
C THR A 286 10.03 -1.69 -31.15
N LEU A 287 10.02 -2.77 -31.94
CA LEU A 287 11.27 -3.46 -32.26
C LEU A 287 12.18 -2.61 -33.13
N ASP A 288 11.61 -1.77 -33.99
CA ASP A 288 12.39 -0.93 -34.90
C ASP A 288 12.78 0.41 -34.30
N LEU A 289 12.14 0.81 -33.19
CA LEU A 289 12.54 2.01 -32.50
C LEU A 289 13.81 1.76 -31.71
N THR A 290 14.60 2.81 -31.52
CA THR A 290 15.72 2.75 -30.61
C THR A 290 15.22 2.79 -29.17
N ARG A 291 16.12 2.50 -28.23
CA ARG A 291 15.76 2.60 -26.83
C ARG A 291 15.34 4.01 -26.46
N GLU A 292 16.01 5.03 -27.01
CA GLU A 292 15.67 6.40 -26.67
C GLU A 292 14.29 6.77 -27.22
N GLU A 293 13.99 6.34 -28.45
CA GLU A 293 12.64 6.51 -28.97
C GLU A 293 11.63 5.69 -28.19
N GLU A 294 12.03 4.50 -27.74
CA GLU A 294 11.13 3.67 -26.94
C GLU A 294 10.78 4.35 -25.62
N LEU A 295 11.78 4.90 -24.91
CA LEU A 295 11.53 5.59 -23.65
C LEU A 295 10.69 6.84 -23.85
N SER A 296 10.86 7.50 -25.01
CA SER A 296 10.01 8.64 -25.31
C SER A 296 8.55 8.21 -25.39
N LEU A 297 8.27 7.14 -26.13
CA LEU A 297 6.90 6.61 -26.20
C LEU A 297 6.41 6.14 -24.83
N LEU A 298 7.30 5.58 -24.02
CA LEU A 298 6.93 5.18 -22.66
C LEU A 298 6.52 6.37 -21.81
N GLN A 299 7.25 7.48 -21.91
CA GLN A 299 6.91 8.64 -21.08
C GLN A 299 5.55 9.21 -21.45
N GLU A 300 5.18 9.16 -22.72
CA GLU A 300 3.85 9.61 -23.10
C GLU A 300 2.76 8.61 -22.70
N ILE A 301 3.08 7.32 -22.71
CA ILE A 301 2.10 6.32 -22.28
C ILE A 301 1.80 6.48 -20.80
N ARG A 302 2.83 6.72 -19.98
CA ARG A 302 2.60 6.83 -18.54
C ARG A 302 1.72 8.02 -18.20
N THR A 303 1.74 9.06 -19.02
CA THR A 303 0.97 10.26 -18.71
C THR A 303 -0.46 10.19 -19.22
N SER A 304 -0.73 9.36 -20.23
CA SER A 304 -2.04 9.27 -20.84
C SER A 304 -2.90 8.12 -20.28
N LEU A 305 -2.52 7.54 -19.15
CA LEU A 305 -3.25 6.38 -18.65
C LEU A 305 -4.62 6.81 -18.13
N TYR A 306 -5.60 5.91 -18.30
CA TYR A 306 -6.94 6.15 -17.81
C TYR A 306 -6.94 6.41 -16.31
N HIS A 307 -7.65 7.47 -15.90
CA HIS A 307 -7.81 7.78 -14.48
C HIS A 307 -9.28 7.93 -14.14
N PRO A 308 -9.82 7.11 -13.23
CA PRO A 308 -11.23 7.22 -12.87
C PRO A 308 -11.52 8.49 -12.08
N SER A 309 -12.79 8.90 -12.11
CA SER A 309 -13.23 10.09 -11.41
C SER A 309 -14.12 9.72 -10.23
N THR A 310 -14.26 10.67 -9.31
CA THR A 310 -15.12 10.45 -8.16
C THR A 310 -16.51 10.06 -8.61
N PRO A 311 -17.12 9.04 -8.02
CA PRO A 311 -18.47 8.63 -8.42
C PRO A 311 -19.50 9.58 -7.87
N PRO A 312 -20.76 9.48 -8.32
CA PRO A 312 -21.81 10.34 -7.76
C PRO A 312 -22.04 10.02 -6.30
N ALA A 313 -22.24 11.07 -5.50
CA ALA A 313 -22.61 10.88 -4.10
C ALA A 313 -23.97 10.18 -4.01
N SER A 314 -24.10 9.28 -3.04
CA SER A 314 -25.39 8.66 -2.80
C SER A 314 -26.36 9.70 -2.24
N SER A 315 -27.67 9.40 -2.35
CA SER A 315 -28.68 10.45 -2.14
C SER A 315 -28.65 11.03 -0.73
N ARG A 316 -28.20 10.27 0.27
CA ARG A 316 -28.17 10.75 1.65
C ARG A 316 -26.77 10.58 2.26
N SER A 317 -25.79 11.24 1.65
CA SER A 317 -24.41 11.21 2.12
C SER A 317 -24.14 12.42 2.98
N TRP A 318 -23.11 12.31 3.82
CA TRP A 318 -22.69 13.44 4.65
C TRP A 318 -21.24 13.78 4.35
N SER A 319 -20.92 15.06 4.45
CA SER A 319 -19.54 15.46 4.33
C SER A 319 -19.09 16.20 5.58
N PRO A 320 -17.87 15.96 6.03
CA PRO A 320 -17.44 16.50 7.32
C PRO A 320 -17.20 18.00 7.26
N VAL A 321 -17.58 18.67 8.34
CA VAL A 321 -17.43 20.11 8.50
C VAL A 321 -16.62 20.36 9.77
N VAL A 322 -15.70 21.33 9.71
CA VAL A 322 -14.91 21.65 10.88
C VAL A 322 -15.84 22.09 12.02
N GLY A 323 -15.64 21.51 13.20
CA GLY A 323 -16.48 21.78 14.35
C GLY A 323 -17.63 20.80 14.54
N GLN A 324 -17.95 20.01 13.53
CA GLN A 324 -19.06 19.07 13.61
C GLN A 324 -18.81 18.02 14.68
N LEU A 325 -19.86 17.63 15.39
CA LEU A 325 -19.80 16.49 16.30
C LEU A 325 -19.89 15.21 15.48
N VAL A 326 -18.85 14.37 15.57
CA VAL A 326 -18.79 13.11 14.86
C VAL A 326 -18.34 12.04 15.85
N GLN A 327 -18.54 10.79 15.48
CA GLN A 327 -18.20 9.67 16.35
C GLN A 327 -17.38 8.64 15.59
N GLU A 328 -16.28 8.21 16.22
CA GLU A 328 -15.42 7.22 15.60
C GLU A 328 -15.94 5.83 15.91
N ARG A 329 -15.83 4.95 14.92
CA ARG A 329 -16.20 3.56 15.11
C ARG A 329 -15.20 2.87 16.02
N VAL A 330 -15.73 2.13 17.00
CA VAL A 330 -14.91 1.29 17.86
C VAL A 330 -14.25 0.21 17.02
N ALA A 331 -12.95 0.03 17.20
CA ALA A 331 -12.18 -0.92 16.40
C ALA A 331 -12.64 -2.35 16.60
N ARG A 332 -12.37 -2.90 17.79
CA ARG A 332 -12.80 -4.27 18.06
C ARG A 332 -13.85 -4.27 19.16
N PRO A 333 -15.11 -3.98 18.83
CA PRO A 333 -16.12 -3.84 19.88
C PRO A 333 -16.42 -5.20 20.49
N ALA A 334 -16.36 -5.27 21.81
CA ALA A 334 -16.70 -6.52 22.48
C ALA A 334 -18.19 -6.85 22.28
N SER A 335 -18.54 -8.06 22.68
CA SER A 335 -19.94 -8.48 22.61
C SER A 335 -20.80 -7.60 23.51
N LEU A 336 -21.97 -7.23 23.01
CA LEU A 336 -22.94 -6.40 23.74
C LEU A 336 -22.35 -5.06 24.18
N ARG A 337 -21.39 -4.56 23.41
CA ARG A 337 -20.79 -3.26 23.69
C ARG A 337 -21.02 -2.31 22.52
N PRO A 338 -21.03 -1.00 22.78
CA PRO A 338 -21.33 -0.04 21.71
C PRO A 338 -20.34 -0.11 20.56
N ARG A 339 -20.85 0.17 19.37
CA ARG A 339 -20.05 0.19 18.15
C ARG A 339 -19.40 1.54 17.88
N TRP A 340 -19.79 2.59 18.60
CA TRP A 340 -19.30 3.94 18.36
C TRP A 340 -18.75 4.54 19.62
N HIS A 341 -17.66 5.31 19.47
CA HIS A 341 -17.11 6.08 20.58
C HIS A 341 -18.00 7.27 20.88
N LYS A 342 -17.75 7.90 22.05
CA LYS A 342 -18.43 9.13 22.42
C LYS A 342 -18.16 10.21 21.38
N PRO A 343 -19.05 11.19 21.28
CA PRO A 343 -18.87 12.23 20.25
C PRO A 343 -17.53 12.95 20.38
N SER A 344 -17.00 13.34 19.23
CA SER A 344 -15.77 14.11 19.15
C SER A 344 -15.95 15.18 18.07
N THR A 345 -15.03 16.14 18.06
CA THR A 345 -15.13 17.31 17.21
C THR A 345 -14.16 17.20 16.05
N VAL A 346 -14.62 17.57 14.85
CA VAL A 346 -13.74 17.63 13.70
C VAL A 346 -12.82 18.84 13.84
N LEU A 347 -11.50 18.61 13.86
CA LEU A 347 -10.55 19.72 13.95
C LEU A 347 -10.21 20.27 12.59
N LYS A 348 -9.83 19.42 11.65
CA LYS A 348 -9.47 19.85 10.31
C LYS A 348 -10.02 18.84 9.32
N VAL A 349 -10.39 19.33 8.13
CA VAL A 349 -10.84 18.50 7.03
C VAL A 349 -9.69 18.43 6.03
N LEU A 350 -8.95 17.32 6.06
CA LEU A 350 -7.81 17.16 5.15
C LEU A 350 -8.28 16.99 3.71
N ASN A 351 -9.36 16.23 3.52
CA ASN A 351 -10.05 16.11 2.25
C ASN A 351 -11.47 15.63 2.55
N PRO A 352 -12.37 15.62 1.57
CA PRO A 352 -13.76 15.28 1.89
C PRO A 352 -13.96 13.88 2.47
N ARG A 353 -12.91 13.08 2.59
CA ARG A 353 -12.99 11.73 3.13
C ARG A 353 -12.05 11.49 4.30
N THR A 354 -11.30 12.49 4.73
CA THR A 354 -10.31 12.32 5.78
C THR A 354 -10.36 13.53 6.69
N VAL A 355 -10.39 13.29 8.00
CA VAL A 355 -10.43 14.39 8.97
C VAL A 355 -9.50 14.09 10.12
N VAL A 356 -9.17 15.15 10.85
CA VAL A 356 -8.55 15.07 12.17
C VAL A 356 -9.62 15.35 13.20
N ILE A 357 -9.71 14.51 14.23
CA ILE A 357 -10.69 14.68 15.29
C ILE A 357 -9.98 14.78 16.62
N LEU A 358 -10.67 15.39 17.59
CA LEU A 358 -10.24 15.43 18.98
C LEU A 358 -10.73 14.15 19.65
N ASP A 359 -9.86 13.15 19.68
CA ASP A 359 -10.13 11.77 20.09
C ASP A 359 -10.85 11.66 21.43
N HIS A 360 -11.48 10.50 21.67
CA HIS A 360 -12.15 10.24 22.93
C HIS A 360 -11.16 10.20 24.11
N LEU A 361 -9.89 9.96 23.82
CA LEU A 361 -8.83 10.04 24.83
C LEU A 361 -8.24 11.44 24.96
N GLY A 362 -8.63 12.37 24.09
CA GLY A 362 -8.07 13.71 24.07
C GLY A 362 -6.98 13.93 23.03
N ASN A 363 -6.61 12.91 22.28
CA ASN A 363 -5.54 13.02 21.30
C ASN A 363 -6.07 13.49 19.96
N ASN A 364 -5.15 13.91 19.09
CA ASN A 364 -5.47 14.16 17.70
C ASN A 364 -5.42 12.84 16.96
N ARG A 365 -6.39 12.62 16.09
CA ARG A 365 -6.49 11.35 15.38
C ARG A 365 -6.94 11.63 13.96
N THR A 366 -6.24 11.05 12.99
CA THR A 366 -6.59 11.18 11.59
C THR A 366 -7.38 9.93 11.19
N VAL A 367 -8.64 10.11 10.85
CA VAL A 367 -9.52 8.98 10.59
C VAL A 367 -10.19 9.19 9.25
N SER A 368 -10.56 8.07 8.63
CA SER A 368 -11.39 8.10 7.44
C SER A 368 -12.84 8.30 7.86
N ILE A 369 -13.60 9.05 7.06
CA ILE A 369 -15.00 9.24 7.41
C ILE A 369 -15.80 7.95 7.31
N ASP A 370 -15.25 6.92 6.66
CA ASP A 370 -15.94 5.62 6.67
C ASP A 370 -15.99 5.04 8.08
N ASN A 371 -15.10 5.47 8.97
CA ASN A 371 -15.12 5.08 10.36
C ASN A 371 -15.68 6.18 11.25
N LEU A 372 -16.47 7.07 10.69
CA LEU A 372 -17.13 8.14 11.42
C LEU A 372 -18.62 8.11 11.13
N LYS A 373 -19.41 8.50 12.13
CA LYS A 373 -20.78 8.88 11.85
C LYS A 373 -20.99 10.27 12.42
N PRO A 374 -21.82 11.09 11.77
CA PRO A 374 -22.20 12.36 12.39
C PRO A 374 -23.15 12.09 13.54
N THR A 375 -22.89 12.74 14.66
CA THR A 375 -23.74 12.61 15.82
C THR A 375 -25.15 13.13 15.52
N SER A 376 -26.15 12.29 15.78
CA SER A 376 -27.52 12.64 15.46
C SER A 376 -28.05 13.72 16.42
N HIS A 377 -29.06 14.44 15.95
CA HIS A 377 -29.74 15.47 16.74
C HIS A 377 -28.79 16.58 17.17
N GLN A 378 -27.73 16.81 16.40
CA GLN A 378 -26.77 17.88 16.66
C GLN A 378 -26.19 17.82 18.06
N ASP B 119 19.16 -3.61 -39.12
CA ASP B 119 19.27 -4.40 -37.90
C ASP B 119 18.51 -3.72 -36.75
N ARG B 120 17.87 -4.53 -35.91
CA ARG B 120 17.06 -4.00 -34.83
C ARG B 120 17.95 -3.35 -33.77
N PRO B 121 17.59 -2.16 -33.29
CA PRO B 121 18.36 -1.53 -32.20
C PRO B 121 18.45 -2.42 -30.97
N GLN B 122 19.53 -2.25 -30.22
CA GLN B 122 19.71 -3.01 -29.00
C GLN B 122 18.73 -2.54 -27.94
N LYS B 123 18.30 -3.47 -27.08
CA LYS B 123 17.23 -3.21 -26.11
C LYS B 123 17.56 -3.87 -24.80
N PRO B 124 16.98 -3.40 -23.69
CA PRO B 124 17.10 -4.14 -22.43
C PRO B 124 16.55 -5.55 -22.60
N PHE B 125 17.09 -6.47 -21.81
CA PHE B 125 16.71 -7.88 -21.79
C PHE B 125 17.13 -8.62 -23.05
N ASP B 126 17.81 -7.96 -24.00
CA ASP B 126 18.33 -8.67 -25.18
C ASP B 126 19.43 -9.65 -24.78
N LYS B 127 20.27 -9.27 -23.84
CA LYS B 127 21.43 -10.08 -23.46
C LYS B 127 21.80 -9.75 -22.02
N PHE B 128 21.91 -10.78 -21.20
CA PHE B 128 22.44 -10.64 -19.85
C PHE B 128 23.84 -11.25 -19.84
N PHE B 129 24.79 -10.52 -19.27
CA PHE B 129 26.14 -11.02 -19.09
C PHE B 129 26.28 -11.43 -17.63
N ILE B 130 26.63 -12.68 -17.41
CA ILE B 130 26.76 -13.20 -16.05
C ILE B 130 28.17 -13.70 -15.85
N ASP B 131 28.66 -13.58 -14.63
CA ASP B 131 29.97 -14.08 -14.24
C ASP B 131 30.04 -14.08 -12.72
N TYR B 132 30.93 -14.91 -12.19
CA TYR B 132 31.15 -15.00 -10.76
C TYR B 132 32.36 -14.17 -10.34
N ILE B 133 32.22 -13.47 -9.23
CA ILE B 133 33.33 -12.81 -8.56
C ILE B 133 33.57 -13.54 -7.25
N GLY B 134 34.79 -14.01 -7.05
CA GLY B 134 35.14 -14.73 -5.84
C GLY B 134 36.19 -15.81 -6.05
N PRO B 135 36.53 -16.55 -4.98
CA PRO B 135 35.93 -16.44 -3.65
C PRO B 135 36.34 -15.19 -2.86
N LEU B 136 35.39 -14.62 -2.14
CA LEU B 136 35.58 -13.47 -1.27
C LEU B 136 35.67 -13.91 0.17
N PRO B 137 36.11 -13.04 1.07
CA PRO B 137 36.00 -13.32 2.50
C PRO B 137 34.56 -13.61 2.88
N PRO B 138 34.33 -14.55 3.79
CA PRO B 138 32.95 -14.94 4.12
C PRO B 138 32.20 -13.78 4.76
N SER B 139 31.00 -13.50 4.25
CA SER B 139 30.11 -12.49 4.81
C SER B 139 28.74 -13.13 5.00
N GLN B 140 28.38 -13.41 6.26
CA GLN B 140 27.11 -14.05 6.59
C GLN B 140 26.92 -15.34 5.81
N GLY B 141 28.01 -16.08 5.61
CA GLY B 141 27.97 -17.38 4.99
C GLY B 141 28.08 -17.42 3.49
N TYR B 142 28.23 -16.26 2.83
CA TYR B 142 28.35 -16.20 1.38
C TYR B 142 29.78 -15.89 0.99
N LEU B 143 30.23 -16.50 -0.12
CA LEU B 143 31.60 -16.39 -0.59
C LEU B 143 31.73 -15.82 -1.99
N TYR B 144 30.70 -15.91 -2.82
CA TYR B 144 30.78 -15.46 -4.20
C TYR B 144 29.67 -14.46 -4.47
N VAL B 145 29.85 -13.71 -5.56
CA VAL B 145 28.84 -12.78 -6.06
C VAL B 145 28.59 -13.12 -7.52
N LEU B 146 27.36 -13.48 -7.84
CA LEU B 146 26.98 -13.65 -9.23
C LEU B 146 26.65 -12.28 -9.80
N VAL B 147 27.39 -11.87 -10.82
CA VAL B 147 27.22 -10.56 -11.44
C VAL B 147 26.38 -10.74 -12.69
N VAL B 148 25.29 -10.00 -12.79
CA VAL B 148 24.44 -10.00 -13.98
C VAL B 148 24.35 -8.57 -14.47
N VAL B 149 24.78 -8.33 -15.71
CA VAL B 149 24.74 -7.02 -16.33
C VAL B 149 23.91 -7.12 -17.59
N ASP B 150 22.90 -6.26 -17.69
CA ASP B 150 22.18 -6.10 -18.95
C ASP B 150 23.09 -5.42 -19.97
N GLY B 151 23.18 -6.00 -21.16
CA GLY B 151 24.13 -5.51 -22.15
C GLY B 151 23.77 -4.16 -22.72
N MET B 152 22.49 -3.84 -22.82
CA MET B 152 22.12 -2.57 -23.44
C MET B 152 22.18 -1.41 -22.44
N THR B 153 21.55 -1.58 -21.27
CA THR B 153 21.48 -0.51 -20.29
C THR B 153 22.72 -0.45 -19.40
N GLY B 154 23.45 -1.55 -19.27
CA GLY B 154 24.47 -1.63 -18.25
C GLY B 154 23.95 -1.87 -16.85
N PHE B 155 22.65 -2.13 -16.70
CA PHE B 155 22.08 -2.33 -15.38
C PHE B 155 22.65 -3.60 -14.76
N THR B 156 22.99 -3.52 -13.48
CA THR B 156 23.70 -4.58 -12.78
C THR B 156 22.82 -5.14 -11.68
N TRP B 157 22.80 -6.46 -11.58
CA TRP B 157 22.25 -7.17 -10.44
C TRP B 157 23.36 -7.98 -9.78
N LEU B 158 23.42 -7.92 -8.46
CA LEU B 158 24.40 -8.67 -7.67
C LEU B 158 23.68 -9.65 -6.78
N TYR B 159 24.03 -10.93 -6.90
CA TYR B 159 23.45 -11.97 -6.06
C TYR B 159 24.57 -12.67 -5.30
N PRO B 160 24.52 -12.70 -3.97
CA PRO B 160 25.54 -13.44 -3.21
C PRO B 160 25.21 -14.93 -3.23
N THR B 161 26.21 -15.74 -3.54
CA THR B 161 26.05 -17.18 -3.51
C THR B 161 27.08 -17.79 -2.56
N LYS B 162 26.90 -19.06 -2.24
CA LYS B 162 27.84 -19.77 -1.38
C LYS B 162 28.87 -20.57 -2.17
N ALA B 163 28.70 -20.68 -3.49
CA ALA B 163 29.58 -21.47 -4.34
C ALA B 163 29.32 -21.06 -5.78
N PRO B 164 30.31 -21.18 -6.65
CA PRO B 164 30.08 -20.93 -8.08
C PRO B 164 29.53 -22.17 -8.77
N SER B 165 28.37 -22.64 -8.31
CA SER B 165 27.77 -23.87 -8.77
C SER B 165 26.57 -23.59 -9.65
N THR B 166 26.14 -24.63 -10.37
CA THR B 166 24.89 -24.53 -11.12
C THR B 166 23.71 -24.32 -10.17
N SER B 167 23.69 -25.06 -9.06
CA SER B 167 22.64 -24.90 -8.07
C SER B 167 22.54 -23.46 -7.59
N ALA B 168 23.67 -22.86 -7.21
CA ALA B 168 23.61 -21.49 -6.72
C ALA B 168 23.23 -20.52 -7.82
N THR B 169 23.68 -20.78 -9.04
CA THR B 169 23.38 -19.91 -10.17
C THR B 169 21.89 -19.95 -10.50
N VAL B 170 21.33 -21.16 -10.59
CA VAL B 170 19.91 -21.30 -10.84
C VAL B 170 19.10 -20.63 -9.71
N LYS B 171 19.51 -20.84 -8.46
CA LYS B 171 18.80 -20.24 -7.34
C LYS B 171 18.77 -18.71 -7.45
N SER B 172 19.89 -18.11 -7.85
CA SER B 172 19.94 -16.65 -7.93
C SER B 172 19.28 -16.13 -9.19
N LEU B 173 19.46 -16.81 -10.33
CA LEU B 173 18.82 -16.37 -11.55
C LEU B 173 17.32 -16.59 -11.53
N ASN B 174 16.83 -17.53 -10.72
CA ASN B 174 15.37 -17.67 -10.56
C ASN B 174 14.75 -16.45 -9.94
N VAL B 175 15.46 -15.80 -9.01
CA VAL B 175 15.00 -14.52 -8.48
C VAL B 175 14.94 -13.49 -9.60
N LEU B 176 16.02 -13.36 -10.36
CA LEU B 176 16.07 -12.35 -11.41
C LEU B 176 15.05 -12.63 -12.51
N THR B 177 14.93 -13.89 -12.93
CA THR B 177 14.03 -14.22 -14.02
C THR B 177 12.58 -14.27 -13.60
N SER B 178 12.30 -14.00 -12.32
CA SER B 178 10.93 -13.73 -11.90
C SER B 178 10.60 -12.24 -12.02
N ILE B 179 11.58 -11.42 -12.40
CA ILE B 179 11.34 -10.00 -12.70
C ILE B 179 11.40 -9.75 -14.20
N ALA B 180 12.42 -10.28 -14.87
CA ALA B 180 12.61 -10.09 -16.30
C ALA B 180 13.46 -11.22 -16.83
N ILE B 181 13.07 -11.76 -17.96
CA ILE B 181 13.77 -12.89 -18.59
C ILE B 181 14.56 -12.37 -19.78
N PRO B 182 15.87 -12.63 -19.85
CA PRO B 182 16.64 -12.18 -21.01
C PRO B 182 16.44 -13.12 -22.18
N LYS B 183 16.64 -12.58 -23.38
CA LYS B 183 16.64 -13.44 -24.56
C LYS B 183 17.89 -14.31 -24.58
N VAL B 184 19.04 -13.74 -24.26
CA VAL B 184 20.31 -14.43 -24.29
C VAL B 184 21.01 -14.21 -22.97
N ILE B 185 21.64 -15.25 -22.45
CA ILE B 185 22.59 -15.15 -21.34
C ILE B 185 23.97 -15.43 -21.90
N HIS B 186 24.89 -14.49 -21.70
CA HIS B 186 26.28 -14.68 -22.11
C HIS B 186 27.13 -14.94 -20.88
N SER B 187 28.09 -15.85 -21.01
CA SER B 187 29.01 -16.16 -19.93
C SER B 187 30.25 -16.80 -20.52
N ASP B 188 31.26 -17.00 -19.68
CA ASP B 188 32.42 -17.78 -20.07
C ASP B 188 32.12 -19.27 -19.89
N GLN B 189 33.08 -20.11 -20.26
CA GLN B 189 32.90 -21.55 -20.19
C GLN B 189 33.05 -22.05 -18.76
N GLY B 190 32.68 -21.23 -17.79
CA GLY B 190 32.70 -21.66 -16.41
C GLY B 190 31.80 -22.86 -16.19
N ALA B 191 32.23 -23.74 -15.29
CA ALA B 191 31.57 -25.02 -15.12
C ALA B 191 30.10 -24.86 -14.74
N ALA B 192 29.79 -23.86 -13.91
CA ALA B 192 28.41 -23.68 -13.49
C ALA B 192 27.50 -23.33 -14.66
N PHE B 193 28.04 -22.66 -15.68
CA PHE B 193 27.23 -22.23 -16.81
C PHE B 193 27.23 -23.22 -17.98
N THR B 194 28.21 -24.11 -18.05
CA THR B 194 28.26 -25.09 -19.13
C THR B 194 27.67 -26.43 -18.75
N SER B 195 27.09 -26.54 -17.55
CA SER B 195 26.55 -27.82 -17.12
C SER B 195 25.27 -28.13 -17.90
N SER B 196 24.93 -29.42 -17.95
CA SER B 196 23.68 -29.81 -18.58
C SER B 196 22.49 -29.35 -17.76
N THR B 197 22.63 -29.23 -16.44
CA THR B 197 21.54 -28.72 -15.61
C THR B 197 21.22 -27.28 -15.96
N PHE B 198 22.24 -26.41 -15.97
CA PHE B 198 22.00 -25.02 -16.33
C PHE B 198 21.49 -24.91 -17.76
N ALA B 199 21.92 -25.80 -18.65
CA ALA B 199 21.37 -25.81 -20.01
C ALA B 199 19.87 -26.12 -19.99
N GLU B 200 19.47 -27.17 -19.27
CA GLU B 200 18.04 -27.46 -19.17
C GLU B 200 17.28 -26.31 -18.53
N TRP B 201 17.88 -25.65 -17.53
CA TRP B 201 17.24 -24.49 -16.92
C TRP B 201 16.99 -23.39 -17.94
N ALA B 202 17.97 -23.10 -18.79
CA ALA B 202 17.80 -22.03 -19.76
C ALA B 202 16.79 -22.44 -20.83
N LYS B 203 16.82 -23.70 -21.27
CA LYS B 203 15.89 -24.14 -22.29
C LYS B 203 14.45 -24.04 -21.80
N GLU B 204 14.20 -24.31 -20.52
CA GLU B 204 12.85 -24.26 -19.97
C GLU B 204 12.28 -22.84 -19.95
N ARG B 205 13.15 -21.82 -19.90
CA ARG B 205 12.71 -20.44 -19.88
C ARG B 205 12.87 -19.76 -21.22
N GLY B 206 13.20 -20.52 -22.26
CA GLY B 206 13.44 -19.95 -23.57
C GLY B 206 14.65 -19.04 -23.65
N ILE B 207 15.62 -19.21 -22.76
CA ILE B 207 16.83 -18.39 -22.74
C ILE B 207 17.90 -19.09 -23.56
N HIS B 208 18.41 -18.41 -24.59
CA HIS B 208 19.53 -18.96 -25.34
C HIS B 208 20.82 -18.71 -24.58
N LEU B 209 21.63 -19.76 -24.42
CA LEU B 209 22.93 -19.63 -23.79
C LEU B 209 24.00 -19.37 -24.84
N GLU B 210 24.82 -18.34 -24.60
CA GLU B 210 25.90 -17.98 -25.50
C GLU B 210 27.18 -17.91 -24.70
N PHE B 211 28.21 -18.62 -25.15
CA PHE B 211 29.46 -18.74 -24.43
C PHE B 211 30.58 -18.05 -25.19
N SER B 212 31.49 -17.43 -24.45
CA SER B 212 32.70 -16.91 -25.04
C SER B 212 33.71 -18.04 -25.23
N THR B 213 34.63 -17.84 -26.16
CA THR B 213 35.64 -18.84 -26.42
C THR B 213 36.47 -19.10 -25.16
N PRO B 214 36.83 -20.34 -24.87
CA PRO B 214 37.72 -20.62 -23.74
C PRO B 214 38.98 -19.79 -23.81
N TYR B 215 39.34 -19.17 -22.68
CA TYR B 215 40.51 -18.33 -22.50
C TYR B 215 40.45 -17.04 -23.31
N HIS B 216 39.38 -16.81 -24.08
CA HIS B 216 39.16 -15.57 -24.81
C HIS B 216 37.86 -14.94 -24.31
N PRO B 217 37.86 -14.39 -23.08
CA PRO B 217 36.62 -13.81 -22.54
C PRO B 217 36.28 -12.50 -23.22
N GLN B 218 35.23 -12.49 -24.02
CA GLN B 218 34.77 -11.28 -24.68
C GLN B 218 33.31 -11.05 -24.34
N SER B 219 32.95 -9.77 -24.22
CA SER B 219 31.58 -9.40 -23.92
C SER B 219 31.18 -8.15 -24.69
N SER B 220 31.48 -6.98 -24.14
CA SER B 220 31.14 -5.70 -24.72
C SER B 220 31.92 -4.62 -23.98
N GLY B 221 32.36 -3.61 -24.73
CA GLY B 221 33.02 -2.47 -24.10
C GLY B 221 32.29 -1.97 -22.88
N LYS B 222 30.99 -1.64 -23.04
CA LYS B 222 30.20 -1.19 -21.90
C LYS B 222 30.18 -2.23 -20.79
N VAL B 223 30.02 -3.50 -21.13
CA VAL B 223 29.98 -4.54 -20.10
C VAL B 223 31.37 -4.75 -19.49
N GLU B 224 32.42 -4.79 -20.32
CA GLU B 224 33.79 -4.89 -19.79
C GLU B 224 34.06 -3.79 -18.76
N ARG B 225 33.78 -2.54 -19.13
CA ARG B 225 33.99 -1.43 -18.21
C ARG B 225 33.10 -1.57 -16.97
N LYS B 226 31.84 -1.98 -17.14
CA LYS B 226 30.98 -2.17 -15.97
C LYS B 226 31.56 -3.19 -15.01
N ASN B 227 32.07 -4.32 -15.53
CA ASN B 227 32.62 -5.33 -14.63
C ASN B 227 33.90 -4.86 -13.97
N SER B 228 34.67 -4.01 -14.66
CA SER B 228 35.80 -3.37 -14.00
C SER B 228 35.32 -2.53 -12.82
N ASP B 229 34.30 -1.69 -13.03
CA ASP B 229 33.78 -0.86 -11.95
C ASP B 229 33.35 -1.71 -10.76
N ILE B 230 32.69 -2.84 -11.02
CA ILE B 230 32.19 -3.68 -9.94
C ILE B 230 33.35 -4.26 -9.13
N LYS B 231 34.36 -4.80 -9.80
CA LYS B 231 35.50 -5.37 -9.08
C LYS B 231 36.24 -4.28 -8.30
N ARG B 232 36.41 -3.09 -8.89
CA ARG B 232 37.10 -2.02 -8.18
C ARG B 232 36.27 -1.48 -7.03
N LEU B 233 34.95 -1.33 -7.24
CA LEU B 233 34.09 -0.85 -6.16
C LEU B 233 34.04 -1.84 -5.01
N LEU B 234 33.96 -3.13 -5.32
CA LEU B 234 33.99 -4.14 -4.26
C LEU B 234 35.29 -4.08 -3.48
N THR B 235 36.42 -3.99 -4.17
CA THR B 235 37.70 -3.87 -3.49
C THR B 235 37.72 -2.67 -2.55
N LYS B 236 37.24 -1.52 -3.02
CA LYS B 236 37.33 -0.29 -2.23
C LYS B 236 36.59 -0.42 -0.91
N LEU B 237 35.50 -1.20 -0.87
CA LEU B 237 34.73 -1.36 0.35
C LEU B 237 35.01 -2.69 1.06
N LEU B 238 35.71 -3.62 0.40
CA LEU B 238 36.19 -4.80 1.10
C LEU B 238 37.19 -4.44 2.19
N VAL B 239 38.11 -3.52 1.89
CA VAL B 239 39.11 -3.15 2.90
C VAL B 239 38.41 -2.50 4.10
N GLY B 240 38.98 -2.73 5.28
CA GLY B 240 38.42 -2.23 6.52
C GLY B 240 37.26 -3.02 7.07
N ARG B 241 36.53 -3.76 6.23
CA ARG B 241 35.42 -4.61 6.65
C ARG B 241 35.18 -5.75 5.67
N PRO B 242 36.15 -6.66 5.49
CA PRO B 242 36.03 -7.66 4.42
C PRO B 242 34.92 -8.67 4.62
N THR B 243 34.29 -8.72 5.80
CA THR B 243 33.26 -9.71 6.08
C THR B 243 31.88 -9.08 6.24
N LYS B 244 31.71 -7.83 5.83
CA LYS B 244 30.44 -7.13 5.96
C LYS B 244 29.92 -6.67 4.60
N TRP B 245 30.29 -7.37 3.53
CA TRP B 245 29.89 -6.94 2.20
C TRP B 245 28.51 -7.45 1.79
N TYR B 246 28.00 -8.48 2.46
CA TYR B 246 26.65 -8.95 2.14
C TYR B 246 25.62 -7.85 2.37
N ASP B 247 25.75 -7.12 3.47
CA ASP B 247 24.83 -6.02 3.73
C ASP B 247 25.02 -4.86 2.75
N LEU B 248 26.22 -4.72 2.18
CA LEU B 248 26.51 -3.60 1.30
C LEU B 248 26.11 -3.84 -0.15
N LEU B 249 25.83 -5.08 -0.55
CA LEU B 249 25.43 -5.33 -1.93
C LEU B 249 24.28 -4.44 -2.40
N PRO B 250 23.21 -4.21 -1.63
CA PRO B 250 22.19 -3.25 -2.09
C PRO B 250 22.74 -1.90 -2.50
N VAL B 251 23.51 -1.24 -1.63
CA VAL B 251 23.99 0.09 -1.95
C VAL B 251 25.03 0.06 -3.06
N VAL B 252 25.69 -1.08 -3.28
CA VAL B 252 26.62 -1.17 -4.40
C VAL B 252 25.86 -1.19 -5.72
N GLN B 253 24.78 -1.98 -5.81
CA GLN B 253 23.98 -2.02 -7.04
C GLN B 253 23.40 -0.65 -7.36
N LEU B 254 22.92 0.07 -6.34
CA LEU B 254 22.40 1.41 -6.57
C LEU B 254 23.46 2.31 -7.15
N ALA B 255 24.65 2.34 -6.55
CA ALA B 255 25.74 3.16 -7.07
C ALA B 255 26.08 2.77 -8.50
N LEU B 256 26.29 1.47 -8.74
CA LEU B 256 26.57 1.00 -10.09
C LEU B 256 25.49 1.43 -11.06
N ASN B 257 24.22 1.30 -10.68
CA ASN B 257 23.16 1.57 -11.62
C ASN B 257 22.81 3.04 -11.74
N ASN B 258 23.38 3.90 -10.89
CA ASN B 258 23.20 5.32 -11.03
C ASN B 258 24.50 6.03 -11.38
N THR B 259 25.48 5.28 -11.88
CA THR B 259 26.72 5.86 -12.37
C THR B 259 26.50 6.39 -13.78
N TYR B 260 26.91 7.65 -13.99
CA TYR B 260 26.73 8.28 -15.29
C TYR B 260 27.60 7.58 -16.34
N SER B 261 26.98 7.28 -17.50
CA SER B 261 27.66 6.60 -18.59
C SER B 261 28.17 7.63 -19.60
N PRO B 262 29.48 7.82 -19.73
CA PRO B 262 29.99 8.85 -20.66
C PRO B 262 29.58 8.62 -22.11
N VAL B 263 29.38 7.36 -22.50
CA VAL B 263 29.09 7.03 -23.90
C VAL B 263 27.61 7.28 -24.20
N LEU B 264 26.71 6.73 -23.38
CA LEU B 264 25.28 6.88 -23.60
C LEU B 264 24.70 8.14 -22.99
N LYS B 265 25.45 8.83 -22.12
CA LYS B 265 24.97 10.03 -21.43
C LYS B 265 23.65 9.76 -20.68
N TYR B 266 23.50 8.54 -20.18
CA TYR B 266 22.40 8.17 -19.29
C TYR B 266 22.90 7.07 -18.37
N THR B 267 22.43 7.09 -17.12
CA THR B 267 22.75 6.01 -16.19
C THR B 267 21.99 4.75 -16.56
N PRO B 268 22.45 3.59 -16.10
CA PRO B 268 21.66 2.35 -16.32
C PRO B 268 20.23 2.45 -15.81
N HIS B 269 20.01 3.10 -14.67
CA HIS B 269 18.66 3.30 -14.15
C HIS B 269 17.81 4.06 -15.14
N GLN B 270 18.32 5.19 -15.64
CA GLN B 270 17.53 5.98 -16.58
C GLN B 270 17.22 5.20 -17.86
N LEU B 271 18.15 4.38 -18.33
CA LEU B 271 17.93 3.62 -19.55
C LEU B 271 16.97 2.45 -19.35
N LEU B 272 16.89 1.92 -18.14
CA LEU B 272 16.01 0.78 -17.87
C LEU B 272 14.57 1.22 -17.56
N PHE B 273 14.40 2.32 -16.84
CA PHE B 273 13.08 2.76 -16.39
C PHE B 273 12.58 4.04 -17.07
N GLY B 274 13.42 4.71 -17.86
CA GLY B 274 12.98 5.92 -18.53
C GLY B 274 12.70 7.09 -17.61
N ILE B 275 13.22 7.06 -16.38
CA ILE B 275 13.02 8.12 -15.41
C ILE B 275 14.33 8.39 -14.70
N ASP B 276 14.44 9.58 -14.12
CA ASP B 276 15.51 9.85 -13.17
C ASP B 276 15.31 8.99 -11.92
N SER B 277 16.34 8.97 -11.08
CA SER B 277 16.32 8.13 -9.89
C SER B 277 16.21 8.99 -8.65
N ASN B 278 15.65 8.39 -7.60
CA ASN B 278 15.57 9.07 -6.31
C ASN B 278 16.86 9.01 -5.52
N THR B 279 17.86 8.27 -6.02
CA THR B 279 19.19 8.20 -5.41
C THR B 279 20.21 8.50 -6.49
N PRO B 280 20.38 9.76 -6.86
CA PRO B 280 21.47 10.10 -7.80
C PRO B 280 22.79 10.13 -7.06
N PHE B 281 23.82 9.57 -7.70
CA PHE B 281 25.14 9.49 -7.08
C PHE B 281 26.04 10.51 -7.77
N ALA B 282 25.94 11.77 -7.33
CA ALA B 282 26.78 12.84 -7.86
C ALA B 282 28.16 12.86 -7.22
N ASN B 283 28.30 12.32 -6.01
CA ASN B 283 29.59 12.20 -5.33
C ASN B 283 30.20 10.85 -5.69
N GLN B 284 31.03 10.84 -6.73
CA GLN B 284 31.70 9.61 -7.14
C GLN B 284 32.84 9.29 -6.18
N ASP B 285 32.93 8.03 -5.78
CA ASP B 285 34.10 7.58 -5.04
C ASP B 285 35.35 7.75 -5.90
N THR B 286 36.50 7.83 -5.23
CA THR B 286 37.75 7.85 -5.97
C THR B 286 37.94 6.57 -6.77
N LEU B 287 37.30 5.48 -6.34
CA LEU B 287 37.36 4.16 -6.97
C LEU B 287 38.79 3.59 -6.97
N ASP B 288 39.76 4.41 -6.58
CA ASP B 288 41.12 4.00 -6.32
C ASP B 288 41.35 3.92 -4.82
N LEU B 289 42.30 3.09 -4.43
CA LEU B 289 42.62 2.92 -3.01
C LEU B 289 43.51 4.07 -2.55
N THR B 290 43.06 4.77 -1.51
CA THR B 290 43.89 5.79 -0.88
C THR B 290 45.12 5.14 -0.26
N ARG B 291 46.14 5.95 0.01
CA ARG B 291 47.40 5.42 0.52
C ARG B 291 47.20 4.63 1.81
N GLU B 292 46.21 5.01 2.63
CA GLU B 292 45.94 4.27 3.85
C GLU B 292 45.16 2.99 3.59
N GLU B 293 44.37 2.93 2.51
CA GLU B 293 43.67 1.70 2.17
C GLU B 293 44.57 0.70 1.45
N GLU B 294 45.64 1.17 0.81
CA GLU B 294 46.61 0.24 0.22
C GLU B 294 47.41 -0.47 1.31
N LEU B 295 47.74 0.24 2.39
CA LEU B 295 48.50 -0.37 3.48
C LEU B 295 47.64 -1.37 4.27
N SER B 296 46.38 -1.03 4.54
CA SER B 296 45.51 -1.93 5.27
C SER B 296 45.02 -3.10 4.42
N LEU B 297 45.27 -3.07 3.10
CA LEU B 297 44.95 -4.20 2.23
C LEU B 297 46.14 -5.15 2.05
N LEU B 298 47.35 -4.62 1.98
CA LEU B 298 48.54 -5.47 1.93
C LEU B 298 48.72 -6.30 3.20
N GLN B 299 48.05 -5.94 4.29
CA GLN B 299 48.10 -6.71 5.53
C GLN B 299 47.09 -7.85 5.55
N GLU B 300 46.04 -7.78 4.73
CA GLU B 300 45.01 -8.81 4.69
C GLU B 300 45.32 -9.88 3.64
#